data_5NZP
#
_entry.id   5NZP
#
_cell.length_a   43.362
_cell.length_b   45.587
_cell.length_c   55.353
_cell.angle_alpha   97.23
_cell.angle_beta   110.45
_cell.angle_gamma   106.72
#
_symmetry.space_group_name_H-M   'P 1'
#
loop_
_entity.id
_entity.type
_entity.pdbx_description
1 polymer 'D-3-phosphoglycerate dehydrogenase'
2 non-polymer 1,2-benzoxazol-3-ol
3 water water
#
_entity_poly.entity_id   1
_entity_poly.type   'polypeptide(L)'
_entity_poly.pdbx_seq_one_letter_code
;MNTPNGNSLSAAELTCGMIMCLARQIPQATASMKDGKWERKKFMGTELNGKTLGILGLGRIGREVATRMQSFGMKTIGYD
PIISPEVSASFGVQQLPLEEIWPLCDFITVHTPLLPSTTGLLNDNTFAQCKKGVRVVNCARGGIVDEGALLRALQSGQCA
GAALDVFTEEPPRDRALVDHENVISCPHLGASTKEAQSRCGEEI
;
_entity_poly.pdbx_strand_id   B,A
#
loop_
_chem_comp.id
_chem_comp.type
_chem_comp.name
_chem_comp.formula
9EW non-polymer 1,2-benzoxazol-3-ol 'C7 H5 N O2'
#
# COMPACT_ATOMS: atom_id res chain seq x y z
N ASN A 5 6.93 -9.46 -17.05
CA ASN A 5 6.33 -9.28 -18.42
C ASN A 5 4.77 -9.29 -18.31
N GLY A 6 4.13 -10.43 -18.61
CA GLY A 6 2.88 -10.83 -17.99
C GLY A 6 2.87 -10.40 -16.53
N ASN A 7 3.85 -10.88 -15.74
CA ASN A 7 3.83 -10.72 -14.27
C ASN A 7 4.50 -9.43 -13.76
N SER A 8 4.82 -8.51 -14.68
CA SER A 8 5.55 -7.26 -14.31
C SER A 8 4.74 -6.41 -13.35
N LEU A 9 3.47 -6.23 -13.70
CA LEU A 9 2.56 -5.44 -12.92
C LEU A 9 2.28 -6.04 -11.57
N SER A 10 2.14 -7.36 -11.46
CA SER A 10 1.93 -7.91 -10.11
C SER A 10 3.12 -7.60 -9.18
N ALA A 11 4.36 -7.72 -9.65
CA ALA A 11 5.56 -7.39 -8.86
C ALA A 11 5.63 -5.89 -8.54
N ALA A 12 5.38 -5.06 -9.51
CA ALA A 12 5.42 -3.65 -9.30
C ALA A 12 4.36 -3.20 -8.25
N GLU A 13 3.18 -3.76 -8.41
CA GLU A 13 2.10 -3.41 -7.46
C GLU A 13 2.45 -3.83 -6.05
N LEU A 14 3.05 -5.02 -5.88
CA LEU A 14 3.39 -5.41 -4.53
C LEU A 14 4.44 -4.49 -3.96
N THR A 15 5.38 -4.12 -4.81
CA THR A 15 6.43 -3.24 -4.36
C THR A 15 5.84 -1.90 -3.83
N CYS A 16 4.95 -1.35 -4.64
CA CYS A 16 4.31 -0.09 -4.16
C CYS A 16 3.52 -0.28 -2.84
N GLY A 17 2.84 -1.41 -2.73
CA GLY A 17 2.18 -1.74 -1.46
C GLY A 17 3.14 -1.75 -0.30
N MET A 18 4.33 -2.35 -0.54
N MET A 18 4.33 -2.35 -0.54
CA MET A 18 5.33 -2.47 0.53
CA MET A 18 5.33 -2.47 0.53
C MET A 18 5.86 -1.09 0.92
C MET A 18 5.86 -1.10 0.91
N ILE A 19 6.06 -0.20 -0.06
CA ILE A 19 6.52 1.18 0.25
C ILE A 19 5.44 1.89 1.16
N MET A 20 4.16 1.76 0.80
N MET A 20 4.16 1.74 0.82
CA MET A 20 3.12 2.39 1.63
CA MET A 20 3.10 2.34 1.68
C MET A 20 3.06 1.74 3.03
C MET A 20 3.08 1.74 3.05
N CYS A 21 3.24 0.43 3.11
CA CYS A 21 3.31 -0.28 4.40
C CYS A 21 4.48 0.19 5.24
N LEU A 22 5.63 0.50 4.62
CA LEU A 22 6.76 1.05 5.40
C LEU A 22 6.51 2.43 5.92
N ALA A 23 5.81 3.23 5.12
CA ALA A 23 5.56 4.58 5.52
C ALA A 23 4.60 4.62 6.68
N ARG A 24 3.66 3.68 6.73
CA ARG A 24 2.56 3.84 7.72
C ARG A 24 2.42 2.70 8.69
N GLN A 25 3.26 1.69 8.59
CA GLN A 25 3.23 0.58 9.49
C GLN A 25 1.89 -0.17 9.56
N ILE A 26 1.26 -0.33 8.41
CA ILE A 26 -0.04 -0.93 8.33
C ILE A 26 -0.04 -2.34 8.89
N PRO A 27 0.95 -3.18 8.50
CA PRO A 27 0.91 -4.53 9.04
C PRO A 27 1.07 -4.65 10.56
N GLN A 28 1.95 -3.83 11.13
CA GLN A 28 2.13 -3.81 12.57
C GLN A 28 0.96 -3.20 13.32
N ALA A 29 0.35 -2.19 12.72
CA ALA A 29 -0.90 -1.65 13.31
C ALA A 29 -2.04 -2.69 13.29
N THR A 30 -2.23 -3.44 12.21
CA THR A 30 -3.25 -4.47 12.15
C THR A 30 -3.00 -5.48 13.24
N ALA A 31 -1.70 -5.90 13.37
CA ALA A 31 -1.39 -6.88 14.43
C ALA A 31 -1.76 -6.39 15.83
N SER A 32 -1.44 -5.13 16.09
CA SER A 32 -1.77 -4.44 17.38
C SER A 32 -3.25 -4.39 17.62
N MET A 33 -4.00 -4.02 16.59
CA MET A 33 -5.49 -4.02 16.69
C MET A 33 -6.08 -5.40 16.94
N LYS A 34 -5.51 -6.42 16.31
CA LYS A 34 -6.00 -7.79 16.51
C LYS A 34 -5.66 -8.36 17.86
N ASP A 35 -4.65 -7.78 18.51
N ASP A 35 -4.66 -7.78 18.50
CA ASP A 35 -4.32 -8.11 19.92
CA ASP A 35 -4.34 -8.11 19.90
C ASP A 35 -5.09 -7.25 20.96
C ASP A 35 -5.17 -7.33 20.95
N GLY A 36 -6.07 -6.45 20.47
CA GLY A 36 -6.95 -5.68 21.34
C GLY A 36 -6.39 -4.37 21.79
N LYS A 37 -5.27 -3.95 21.21
CA LYS A 37 -4.63 -2.71 21.56
C LYS A 37 -5.07 -1.53 20.67
N TRP A 38 -4.87 -0.31 21.19
CA TRP A 38 -5.17 0.89 20.46
C TRP A 38 -3.99 1.81 20.69
N GLU A 39 -3.02 1.71 19.79
CA GLU A 39 -1.68 2.28 19.98
C GLU A 39 -1.37 3.38 18.97
N ARG A 40 -1.90 4.57 19.28
CA ARG A 40 -1.83 5.61 18.26
C ARG A 40 -0.42 6.23 18.11
N LYS A 41 0.22 6.60 19.23
CA LYS A 41 1.63 7.14 19.19
C LYS A 41 2.64 6.14 18.58
N LYS A 42 2.52 4.86 18.94
CA LYS A 42 3.45 3.92 18.41
C LYS A 42 3.56 3.95 16.88
N PHE A 43 2.45 4.14 16.19
CA PHE A 43 2.42 3.96 14.76
C PHE A 43 2.26 5.29 14.02
N MET A 44 2.74 6.40 14.60
CA MET A 44 3.07 7.64 13.86
C MET A 44 3.98 7.35 12.68
N GLY A 45 3.60 7.80 11.49
CA GLY A 45 4.35 7.46 10.30
C GLY A 45 4.87 8.63 9.53
N THR A 46 5.07 8.41 8.22
CA THR A 46 5.52 9.48 7.40
C THR A 46 4.78 9.58 6.08
N GLU A 47 4.75 10.78 5.55
CA GLU A 47 4.17 11.06 4.26
C GLU A 47 5.16 10.76 3.12
N LEU A 48 4.72 10.15 2.07
CA LEU A 48 5.50 9.90 0.87
C LEU A 48 5.71 11.10 0.00
N ASN A 49 4.83 12.10 0.04
CA ASN A 49 4.97 13.23 -0.85
C ASN A 49 6.23 13.97 -0.52
N GLY A 50 6.97 14.34 -1.55
CA GLY A 50 8.21 15.09 -1.36
C GLY A 50 9.43 14.24 -1.05
N LYS A 51 9.27 12.96 -0.77
N LYS A 51 9.26 12.95 -0.77
CA LYS A 51 10.43 12.10 -0.41
CA LYS A 51 10.42 12.09 -0.41
C LYS A 51 11.09 11.55 -1.65
C LYS A 51 11.09 11.55 -1.65
N THR A 52 12.34 11.13 -1.50
CA THR A 52 13.10 10.56 -2.62
C THR A 52 13.10 9.04 -2.55
N LEU A 53 12.77 8.42 -3.67
CA LEU A 53 12.76 7.02 -3.89
C LEU A 53 13.95 6.72 -4.86
N GLY A 54 14.86 5.86 -4.44
CA GLY A 54 15.92 5.33 -5.33
C GLY A 54 15.53 3.99 -5.84
N ILE A 55 15.56 3.90 -7.16
CA ILE A 55 15.16 2.67 -7.83
C ILE A 55 16.47 2.09 -8.49
N LEU A 56 16.82 0.88 -8.06
CA LEU A 56 18.08 0.22 -8.57
C LEU A 56 17.65 -0.87 -9.45
N GLY A 57 17.80 -0.64 -10.77
CA GLY A 57 17.21 -1.58 -11.77
C GLY A 57 16.05 -0.89 -12.43
N LEU A 58 16.24 -0.46 -13.66
CA LEU A 58 15.27 0.38 -14.38
C LEU A 58 14.68 -0.24 -15.62
N GLY A 59 14.51 -1.56 -15.55
CA GLY A 59 13.75 -2.34 -16.55
C GLY A 59 12.27 -2.17 -16.33
N ARG A 60 11.49 -3.11 -16.83
CA ARG A 60 10.07 -2.92 -16.87
C ARG A 60 9.48 -2.74 -15.45
N ILE A 61 9.86 -3.60 -14.49
CA ILE A 61 9.31 -3.50 -13.15
C ILE A 61 9.69 -2.15 -12.56
N GLY A 62 10.98 -1.83 -12.56
CA GLY A 62 11.42 -0.58 -12.04
C GLY A 62 10.70 0.64 -12.58
N ARG A 63 10.44 0.65 -13.86
CA ARG A 63 9.76 1.75 -14.55
C ARG A 63 8.33 1.85 -14.08
N GLU A 64 7.68 0.71 -13.92
N GLU A 64 7.67 0.71 -13.93
CA GLU A 64 6.28 0.71 -13.43
CA GLU A 64 6.28 0.71 -13.45
C GLU A 64 6.14 1.22 -11.98
C GLU A 64 6.13 1.22 -11.99
N VAL A 65 7.13 0.90 -11.15
CA VAL A 65 7.15 1.36 -9.80
C VAL A 65 7.32 2.85 -9.84
N ALA A 66 8.24 3.34 -10.70
CA ALA A 66 8.50 4.74 -10.76
C ALA A 66 7.24 5.54 -11.08
N THR A 67 6.55 5.17 -12.15
CA THR A 67 5.42 5.98 -12.57
C THR A 67 4.25 6.00 -11.53
N ARG A 68 4.10 4.89 -10.84
CA ARG A 68 3.08 4.86 -9.74
C ARG A 68 3.50 5.73 -8.55
N MET A 69 4.78 5.66 -8.14
CA MET A 69 5.19 6.43 -7.00
C MET A 69 5.37 7.91 -7.29
N GLN A 70 5.58 8.26 -8.57
CA GLN A 70 5.51 9.65 -8.99
C GLN A 70 4.15 10.32 -8.70
N SER A 71 3.06 9.55 -8.79
CA SER A 71 1.64 10.05 -8.52
C SER A 71 1.48 10.41 -7.07
N PHE A 72 2.31 9.87 -6.19
CA PHE A 72 2.39 10.23 -4.74
C PHE A 72 3.28 11.43 -4.47
N GLY A 73 3.85 12.01 -5.50
CA GLY A 73 4.77 13.14 -5.27
C GLY A 73 6.17 12.74 -4.83
N MET A 74 6.53 11.49 -5.05
CA MET A 74 7.93 11.06 -4.71
C MET A 74 8.87 11.51 -5.84
N LYS A 75 10.06 11.96 -5.46
N LYS A 75 10.07 11.97 -5.47
CA LYS A 75 11.17 12.23 -6.43
CA LYS A 75 11.18 12.21 -6.45
C LYS A 75 11.79 10.87 -6.75
C LYS A 75 11.78 10.86 -6.75
N THR A 76 11.89 10.50 -8.01
CA THR A 76 12.37 9.19 -8.36
C THR A 76 13.72 9.36 -9.06
N ILE A 77 14.73 8.70 -8.45
CA ILE A 77 16.07 8.65 -9.02
C ILE A 77 16.46 7.20 -9.05
N GLY A 78 17.55 6.91 -9.75
CA GLY A 78 17.91 5.52 -9.87
C GLY A 78 19.22 5.26 -10.65
N TYR A 79 19.43 3.98 -10.88
CA TYR A 79 20.67 3.50 -11.50
C TYR A 79 20.43 2.20 -12.19
N ASP A 80 21.00 2.05 -13.41
CA ASP A 80 20.94 0.78 -14.10
C ASP A 80 22.09 0.89 -15.13
N PRO A 81 23.05 -0.02 -15.09
CA PRO A 81 24.19 0.05 -16.00
C PRO A 81 23.91 -0.16 -17.44
N ILE A 82 22.75 -0.70 -17.77
CA ILE A 82 22.43 -1.08 -19.13
C ILE A 82 21.42 -0.12 -19.82
N ILE A 83 20.51 0.47 -19.03
CA ILE A 83 19.45 1.38 -19.53
C ILE A 83 20.02 2.77 -19.68
N SER A 84 19.80 3.34 -20.87
CA SER A 84 20.33 4.64 -21.13
C SER A 84 19.63 5.70 -20.29
N PRO A 85 20.33 6.77 -19.95
CA PRO A 85 19.73 7.89 -19.26
C PRO A 85 18.52 8.52 -20.01
N GLU A 86 18.52 8.47 -21.34
N GLU A 86 18.51 8.46 -21.33
CA GLU A 86 17.41 8.95 -22.18
CA GLU A 86 17.41 8.97 -22.13
C GLU A 86 16.17 8.12 -21.97
C GLU A 86 16.17 8.12 -21.98
N VAL A 87 16.32 6.81 -21.91
CA VAL A 87 15.19 5.91 -21.73
C VAL A 87 14.65 6.16 -20.35
N SER A 88 15.49 6.21 -19.31
CA SER A 88 14.96 6.40 -17.97
C SER A 88 14.32 7.78 -17.80
N ALA A 89 14.90 8.82 -18.38
CA ALA A 89 14.26 10.16 -18.44
C ALA A 89 12.83 10.12 -18.99
N SER A 90 12.59 9.25 -19.95
CA SER A 90 11.26 9.10 -20.57
C SER A 90 10.18 8.64 -19.62
N PHE A 91 10.60 8.00 -18.54
CA PHE A 91 9.72 7.68 -17.48
C PHE A 91 10.01 8.40 -16.14
N GLY A 92 10.60 9.57 -16.24
CA GLY A 92 10.79 10.45 -15.08
C GLY A 92 11.77 10.02 -14.02
N VAL A 93 12.73 9.18 -14.39
CA VAL A 93 13.76 8.72 -13.43
C VAL A 93 15.10 9.32 -13.85
N GLN A 94 15.64 10.18 -12.98
CA GLN A 94 17.01 10.71 -13.13
C GLN A 94 18.00 9.65 -12.76
N GLN A 95 18.83 9.24 -13.70
CA GLN A 95 19.95 8.36 -13.36
C GLN A 95 21.22 9.11 -12.87
N LEU A 96 21.79 8.57 -11.80
CA LEU A 96 22.97 9.11 -11.13
C LEU A 96 23.84 7.92 -10.82
N PRO A 97 25.15 8.11 -10.72
CA PRO A 97 25.89 7.00 -10.24
C PRO A 97 25.56 6.54 -8.79
N LEU A 98 25.84 5.25 -8.49
CA LEU A 98 25.44 4.65 -7.21
C LEU A 98 25.89 5.41 -6.07
N GLU A 99 27.19 5.76 -6.08
CA GLU A 99 27.73 6.57 -5.01
C GLU A 99 26.88 7.85 -4.71
N GLU A 100 26.29 8.47 -5.73
CA GLU A 100 25.42 9.67 -5.51
C GLU A 100 24.02 9.33 -5.04
N ILE A 101 23.54 8.12 -5.32
CA ILE A 101 22.21 7.74 -4.97
C ILE A 101 22.08 7.56 -3.43
N TRP A 102 23.01 6.84 -2.80
CA TRP A 102 22.77 6.38 -1.40
C TRP A 102 22.38 7.55 -0.50
N PRO A 103 23.13 8.64 -0.50
CA PRO A 103 22.83 9.68 0.48
C PRO A 103 21.51 10.44 0.30
N LEU A 104 20.94 10.33 -0.90
CA LEU A 104 19.73 11.10 -1.23
C LEU A 104 18.42 10.44 -0.82
N CYS A 105 18.45 9.14 -0.62
CA CYS A 105 17.21 8.38 -0.64
C CYS A 105 16.57 8.29 0.70
N ASP A 106 15.24 8.48 0.71
CA ASP A 106 14.40 8.16 1.86
C ASP A 106 13.98 6.71 1.80
N PHE A 107 13.76 6.25 0.59
CA PHE A 107 13.35 4.89 0.33
C PHE A 107 14.30 4.35 -0.78
N ILE A 108 14.61 3.05 -0.72
CA ILE A 108 15.30 2.31 -1.81
C ILE A 108 14.62 1.03 -2.15
N THR A 109 14.42 0.78 -3.45
CA THR A 109 13.82 -0.46 -3.87
C THR A 109 14.71 -1.06 -4.97
N VAL A 110 14.80 -2.37 -4.94
CA VAL A 110 15.67 -3.08 -5.91
C VAL A 110 14.86 -3.86 -6.89
N HIS A 111 15.30 -3.77 -8.16
CA HIS A 111 14.67 -4.44 -9.28
C HIS A 111 15.64 -4.96 -10.31
N THR A 112 16.66 -5.65 -9.79
CA THR A 112 17.75 -6.19 -10.60
C THR A 112 17.65 -7.69 -10.62
N PRO A 113 18.36 -8.33 -11.56
CA PRO A 113 18.59 -9.77 -11.39
C PRO A 113 19.61 -10.01 -10.26
N LEU A 114 19.74 -11.24 -9.83
CA LEU A 114 20.76 -11.66 -8.90
C LEU A 114 22.00 -12.09 -9.70
N LEU A 115 23.04 -11.24 -9.66
CA LEU A 115 24.36 -11.44 -10.38
C LEU A 115 25.42 -11.17 -9.37
N PRO A 116 26.69 -11.53 -9.70
CA PRO A 116 27.73 -11.17 -8.73
C PRO A 116 27.71 -9.70 -8.35
N SER A 117 27.50 -8.84 -9.33
CA SER A 117 27.52 -7.44 -9.12
C SER A 117 26.36 -6.90 -8.27
N THR A 118 25.27 -7.65 -8.16
CA THR A 118 24.10 -7.19 -7.40
C THR A 118 23.86 -8.00 -6.08
N THR A 119 24.66 -9.05 -5.81
CA THR A 119 24.57 -9.75 -4.55
C THR A 119 25.14 -8.87 -3.44
N GLY A 120 24.38 -8.58 -2.39
CA GLY A 120 24.80 -7.54 -1.50
C GLY A 120 24.96 -6.16 -2.04
N LEU A 121 24.16 -5.81 -3.05
CA LEU A 121 24.13 -4.48 -3.52
C LEU A 121 23.94 -3.52 -2.36
N LEU A 122 22.98 -3.85 -1.48
N LEU A 122 22.97 -3.84 -1.48
CA LEU A 122 22.88 -3.24 -0.15
CA LEU A 122 22.87 -3.22 -0.15
C LEU A 122 23.60 -4.10 0.89
C LEU A 122 23.60 -4.10 0.89
N ASN A 123 24.71 -3.57 1.42
CA ASN A 123 25.52 -4.27 2.39
C ASN A 123 26.02 -3.30 3.41
N ASP A 124 26.94 -3.71 4.29
CA ASP A 124 27.37 -2.77 5.35
C ASP A 124 27.94 -1.52 4.77
N ASN A 125 28.75 -1.65 3.68
CA ASN A 125 29.36 -0.49 3.05
C ASN A 125 28.37 0.52 2.41
N THR A 126 27.34 0.00 1.75
CA THR A 126 26.36 0.87 1.14
C THR A 126 25.29 1.38 2.15
N PHE A 127 24.94 0.56 3.15
CA PHE A 127 24.11 1.09 4.26
C PHE A 127 24.79 2.28 4.89
N ALA A 128 26.12 2.20 5.07
CA ALA A 128 26.82 3.28 5.74
C ALA A 128 26.75 4.61 5.00
N GLN A 129 26.51 4.57 3.67
CA GLN A 129 26.49 5.73 2.81
C GLN A 129 25.03 6.33 2.68
N CYS A 130 24.06 5.61 3.18
CA CYS A 130 22.67 6.02 3.13
C CYS A 130 22.40 7.11 4.17
N LYS A 131 21.26 7.76 3.98
CA LYS A 131 20.72 8.70 4.91
C LYS A 131 20.24 7.92 6.16
N LYS A 132 20.55 8.38 7.36
CA LYS A 132 20.05 7.64 8.56
C LYS A 132 18.50 7.58 8.52
N GLY A 133 17.94 6.39 8.74
CA GLY A 133 16.49 6.20 8.69
C GLY A 133 15.99 5.76 7.38
N VAL A 134 16.85 5.28 6.48
CA VAL A 134 16.40 4.87 5.17
C VAL A 134 15.47 3.66 5.30
N ARG A 135 14.50 3.56 4.41
CA ARG A 135 13.62 2.42 4.35
C ARG A 135 13.89 1.64 3.06
N VAL A 136 13.90 0.34 3.14
CA VAL A 136 14.34 -0.56 1.99
C VAL A 136 13.27 -1.60 1.64
N VAL A 137 13.17 -1.87 0.34
CA VAL A 137 12.26 -2.85 -0.16
C VAL A 137 13.03 -3.83 -1.06
N ASN A 138 12.74 -5.09 -0.90
CA ASN A 138 13.25 -6.14 -1.83
C ASN A 138 12.09 -7.07 -2.15
N CYS A 139 11.53 -6.80 -3.32
CA CYS A 139 10.55 -7.71 -3.96
C CYS A 139 11.08 -8.33 -5.28
N ALA A 140 12.41 -8.37 -5.37
CA ALA A 140 13.09 -8.84 -6.57
C ALA A 140 13.70 -10.23 -6.43
N ARG A 141 14.88 -10.34 -5.82
CA ARG A 141 15.54 -11.65 -5.65
C ARG A 141 16.20 -11.67 -4.29
N GLY A 142 16.07 -12.79 -3.60
CA GLY A 142 16.68 -12.93 -2.29
C GLY A 142 18.24 -12.90 -2.48
N GLY A 143 18.88 -12.06 -1.65
CA GLY A 143 20.34 -11.90 -1.66
C GLY A 143 20.80 -10.60 -2.23
N ILE A 144 19.95 -9.80 -2.87
CA ILE A 144 20.31 -8.50 -3.32
C ILE A 144 20.68 -7.63 -2.14
N VAL A 145 19.83 -7.67 -1.11
CA VAL A 145 20.11 -7.05 0.15
C VAL A 145 20.79 -8.10 1.05
N ASP A 146 22.02 -7.78 1.51
CA ASP A 146 22.70 -8.65 2.46
C ASP A 146 21.91 -8.72 3.76
N GLU A 147 21.46 -9.90 4.14
CA GLU A 147 20.61 -10.03 5.33
C GLU A 147 21.23 -9.72 6.69
N GLY A 148 22.50 -10.04 6.84
CA GLY A 148 23.24 -9.70 8.03
C GLY A 148 23.46 -8.23 8.14
N ALA A 149 23.73 -7.58 7.01
CA ALA A 149 23.94 -6.12 7.02
C ALA A 149 22.65 -5.34 7.30
N LEU A 150 21.55 -5.85 6.73
CA LEU A 150 20.22 -5.25 6.97
C LEU A 150 19.85 -5.34 8.46
N LEU A 151 20.12 -6.49 9.08
CA LEU A 151 19.83 -6.64 10.50
C LEU A 151 20.66 -5.66 11.31
N ARG A 152 21.97 -5.50 11.00
CA ARG A 152 22.77 -4.52 11.71
C ARG A 152 22.26 -3.10 11.54
N ALA A 153 21.89 -2.76 10.31
CA ALA A 153 21.28 -1.44 10.07
C ALA A 153 19.93 -1.20 10.80
N LEU A 154 19.10 -2.21 10.86
CA LEU A 154 17.83 -2.06 11.65
C LEU A 154 18.15 -1.93 13.18
N GLN A 155 19.21 -2.63 13.67
CA GLN A 155 19.57 -2.59 15.06
C GLN A 155 20.12 -1.24 15.47
N SER A 156 20.81 -0.57 14.56
CA SER A 156 21.36 0.74 14.88
C SER A 156 20.40 1.90 14.60
N GLY A 157 19.36 1.62 13.79
CA GLY A 157 18.45 2.66 13.29
C GLY A 157 18.93 3.29 12.00
N GLN A 158 20.12 2.93 11.49
CA GLN A 158 20.52 3.42 10.19
C GLN A 158 19.48 3.07 9.11
N CYS A 159 18.87 1.92 9.22
CA CYS A 159 17.66 1.58 8.44
C CYS A 159 16.49 1.62 9.42
N ALA A 160 15.45 2.39 9.06
CA ALA A 160 14.20 2.50 9.93
C ALA A 160 13.23 1.40 9.71
N GLY A 161 13.37 0.69 8.58
CA GLY A 161 12.44 -0.38 8.24
C GLY A 161 12.77 -1.08 6.93
N ALA A 162 12.24 -2.29 6.73
CA ALA A 162 12.43 -3.00 5.53
C ALA A 162 11.26 -3.90 5.21
N ALA A 163 11.04 -4.04 3.93
CA ALA A 163 9.99 -4.89 3.41
C ALA A 163 10.54 -5.95 2.51
N LEU A 164 10.33 -7.19 2.85
CA LEU A 164 11.01 -8.31 2.12
C LEU A 164 9.97 -9.30 1.60
N ASP A 165 9.92 -9.47 0.27
CA ASP A 165 9.12 -10.55 -0.30
C ASP A 165 9.97 -11.81 -0.56
N VAL A 166 11.31 -11.62 -0.50
CA VAL A 166 12.25 -12.67 -0.99
C VAL A 166 13.37 -12.72 0.03
N PHE A 167 13.95 -13.89 0.14
CA PHE A 167 15.05 -14.19 1.08
C PHE A 167 16.11 -15.05 0.43
N THR A 168 17.31 -14.92 1.01
CA THR A 168 18.51 -15.64 0.57
C THR A 168 18.23 -17.10 0.57
N GLU A 169 17.55 -17.56 1.60
CA GLU A 169 16.99 -18.93 1.62
C GLU A 169 15.49 -18.82 1.92
N GLU A 170 14.70 -19.62 1.22
CA GLU A 170 13.24 -19.56 1.29
C GLU A 170 12.63 -20.93 1.65
N PRO A 171 11.93 -21.06 2.77
CA PRO A 171 11.75 -20.01 3.80
C PRO A 171 13.03 -19.70 4.57
N PRO A 172 13.19 -18.49 5.10
CA PRO A 172 14.41 -18.15 5.83
C PRO A 172 14.50 -18.96 7.11
N ARG A 173 15.68 -19.51 7.38
CA ARG A 173 15.92 -20.44 8.48
C ARG A 173 16.27 -19.58 9.68
N ASP A 174 17.02 -18.49 9.43
CA ASP A 174 17.28 -17.46 10.42
C ASP A 174 16.08 -16.49 10.46
N ARG A 175 15.49 -16.31 11.65
CA ARG A 175 14.18 -15.62 11.82
C ARG A 175 14.34 -14.22 12.41
N ALA A 176 15.56 -13.77 12.63
CA ALA A 176 15.83 -12.49 13.31
C ALA A 176 15.35 -11.33 12.45
N LEU A 177 15.50 -11.42 11.14
CA LEU A 177 14.94 -10.35 10.30
C LEU A 177 13.39 -10.32 10.33
N VAL A 178 12.78 -11.48 10.08
CA VAL A 178 11.33 -11.60 10.04
C VAL A 178 10.76 -11.16 11.34
N ASP A 179 11.37 -11.57 12.43
CA ASP A 179 10.87 -11.19 13.75
C ASP A 179 11.10 -9.74 14.18
N HIS A 180 11.88 -8.95 13.43
CA HIS A 180 12.13 -7.54 13.83
C HIS A 180 10.85 -6.70 13.69
N GLU A 181 10.62 -5.80 14.67
CA GLU A 181 9.38 -5.02 14.66
C GLU A 181 9.25 -4.10 13.43
N ASN A 182 10.37 -3.68 12.85
CA ASN A 182 10.38 -2.81 11.72
C ASN A 182 10.49 -3.51 10.38
N VAL A 183 10.33 -4.82 10.37
CA VAL A 183 10.37 -5.58 9.12
C VAL A 183 8.94 -6.10 8.81
N ILE A 184 8.54 -5.85 7.57
N ILE A 184 8.53 -5.86 7.58
CA ILE A 184 7.36 -6.36 6.95
CA ILE A 184 7.32 -6.47 7.04
C ILE A 184 7.75 -7.42 5.95
C ILE A 184 7.73 -7.43 5.96
N SER A 185 6.97 -8.48 5.84
CA SER A 185 7.38 -9.59 4.96
C SER A 185 6.23 -10.39 4.40
N CYS A 186 6.46 -11.09 3.31
CA CYS A 186 5.52 -11.96 2.70
C CYS A 186 6.27 -13.21 2.20
N PRO A 187 5.60 -14.33 2.06
CA PRO A 187 6.23 -15.56 1.55
C PRO A 187 6.35 -15.61 0.00
N HIS A 188 7.11 -14.67 -0.56
CA HIS A 188 7.32 -14.60 -1.99
C HIS A 188 6.01 -14.61 -2.73
N LEU A 189 5.24 -13.57 -2.45
CA LEU A 189 3.96 -13.36 -3.10
C LEU A 189 4.02 -12.47 -4.37
N GLY A 190 5.19 -12.01 -4.85
CA GLY A 190 5.20 -11.04 -6.01
C GLY A 190 4.45 -11.39 -7.33
N ALA A 191 4.44 -12.67 -7.68
CA ALA A 191 3.72 -13.16 -8.83
C ALA A 191 2.37 -13.83 -8.48
N SER A 192 1.99 -13.78 -7.20
CA SER A 192 0.83 -14.45 -6.69
C SER A 192 -0.41 -13.58 -6.85
N THR A 193 -0.84 -13.40 -8.10
CA THR A 193 -2.14 -12.89 -8.36
C THR A 193 -2.85 -13.88 -9.27
N LYS A 194 -4.16 -13.87 -9.15
CA LYS A 194 -4.97 -14.69 -10.05
C LYS A 194 -4.73 -14.33 -11.52
N GLU A 195 -4.55 -13.04 -11.77
CA GLU A 195 -4.35 -12.56 -13.10
C GLU A 195 -3.02 -13.09 -13.64
N ALA A 196 -1.92 -12.73 -12.99
CA ALA A 196 -0.56 -13.14 -13.47
C ALA A 196 -0.60 -14.62 -13.77
N GLN A 197 -1.22 -15.37 -12.86
CA GLN A 197 -1.27 -16.84 -12.97
C GLN A 197 -1.96 -17.33 -14.25
N SER A 198 -2.93 -16.57 -14.74
CA SER A 198 -3.84 -17.00 -15.78
C SER A 198 -3.70 -16.26 -17.12
N ARG A 199 -2.52 -15.72 -17.41
CA ARG A 199 -2.24 -14.83 -18.59
C ARG A 199 -3.44 -14.03 -19.13
N ASN B 5 -6.75 18.99 4.51
CA ASN B 5 -6.16 20.27 3.95
C ASN B 5 -4.61 20.18 3.98
N GLY B 6 -3.96 20.80 4.99
CA GLY B 6 -2.71 20.33 5.52
C GLY B 6 -2.67 18.80 5.54
N ASN B 7 -3.64 18.17 6.21
CA ASN B 7 -3.62 16.70 6.46
C ASN B 7 -4.34 15.83 5.37
N SER B 8 -4.67 16.45 4.24
CA SER B 8 -5.38 15.77 3.18
C SER B 8 -4.55 14.63 2.68
N LEU B 9 -3.25 14.95 2.40
CA LEU B 9 -2.35 13.95 1.77
C LEU B 9 -2.06 12.78 2.69
N SER B 10 -1.93 13.00 4.00
CA SER B 10 -1.72 11.87 4.91
C SER B 10 -2.89 10.92 4.89
N ALA B 11 -4.12 11.45 4.87
CA ALA B 11 -5.28 10.54 4.76
C ALA B 11 -5.41 9.82 3.45
N ALA B 12 -5.13 10.57 2.38
CA ALA B 12 -5.19 10.00 1.04
C ALA B 12 -4.15 8.86 0.84
N GLU B 13 -2.94 9.16 1.38
CA GLU B 13 -1.90 8.08 1.33
C GLU B 13 -2.22 6.85 2.11
N LEU B 14 -2.76 6.99 3.33
CA LEU B 14 -3.16 5.83 4.08
C LEU B 14 -4.21 5.02 3.33
N THR B 15 -5.19 5.77 2.75
CA THR B 15 -6.28 5.07 2.03
C THR B 15 -5.71 4.19 0.87
N CYS B 16 -4.79 4.80 0.10
CA CYS B 16 -4.17 4.05 -1.00
C CYS B 16 -3.35 2.83 -0.50
N GLY B 17 -2.68 3.04 0.65
CA GLY B 17 -2.01 1.90 1.33
C GLY B 17 -2.99 0.74 1.66
N MET B 18 -4.17 1.13 2.21
N MET B 18 -4.16 1.12 2.20
CA MET B 18 -5.14 0.14 2.58
CA MET B 18 -5.13 0.13 2.56
C MET B 18 -5.66 -0.63 1.37
C MET B 18 -5.68 -0.62 1.34
N ILE B 19 -5.85 0.09 0.24
CA ILE B 19 -6.28 -0.54 -1.02
C ILE B 19 -5.26 -1.59 -1.46
N MET B 20 -3.96 -1.20 -1.44
N MET B 20 -3.96 -1.19 -1.45
CA MET B 20 -2.94 -2.18 -1.82
CA MET B 20 -2.93 -2.19 -1.77
C MET B 20 -2.88 -3.35 -0.83
C MET B 20 -2.92 -3.36 -0.82
N CYS B 21 -3.03 -3.08 0.47
CA CYS B 21 -3.07 -4.13 1.48
C CYS B 21 -4.21 -5.12 1.29
N LEU B 22 -5.36 -4.60 0.89
CA LEU B 22 -6.51 -5.50 0.58
C LEU B 22 -6.26 -6.33 -0.63
N ALA B 23 -5.63 -5.72 -1.66
CA ALA B 23 -5.39 -6.54 -2.86
C ALA B 23 -4.43 -7.68 -2.67
N ARG B 24 -3.47 -7.46 -1.78
CA ARG B 24 -2.39 -8.47 -1.63
C ARG B 24 -2.25 -9.11 -0.24
N GLN B 25 -3.14 -8.80 0.70
CA GLN B 25 -3.11 -9.35 2.03
C GLN B 25 -1.75 -9.19 2.75
N ILE B 26 -1.16 -8.02 2.64
CA ILE B 26 0.19 -7.83 3.18
C ILE B 26 0.19 -7.97 4.70
N PRO B 27 -0.81 -7.36 5.39
CA PRO B 27 -0.79 -7.50 6.85
C PRO B 27 -0.88 -8.96 7.32
N GLN B 28 -1.75 -9.72 6.69
CA GLN B 28 -2.00 -11.09 7.07
C GLN B 28 -0.78 -11.97 6.73
N ALA B 29 -0.18 -11.64 5.61
CA ALA B 29 1.10 -12.38 5.24
C ALA B 29 2.23 -12.10 6.22
N THR B 30 2.40 -10.87 6.66
CA THR B 30 3.44 -10.56 7.64
C THR B 30 3.11 -11.30 8.94
N ALA B 31 1.83 -11.32 9.35
CA ALA B 31 1.50 -12.03 10.61
C ALA B 31 1.85 -13.51 10.51
N SER B 32 1.53 -14.09 9.36
CA SER B 32 1.84 -15.52 9.09
C SER B 32 3.35 -15.78 9.14
N MET B 33 4.11 -14.89 8.50
CA MET B 33 5.60 -14.97 8.61
C MET B 33 6.14 -14.86 10.04
N LYS B 34 5.59 -13.91 10.79
CA LYS B 34 6.05 -13.74 12.14
C LYS B 34 5.66 -14.88 13.05
N ASP B 35 4.60 -15.63 12.70
CA ASP B 35 4.22 -16.86 13.40
C ASP B 35 5.03 -18.11 12.92
N GLY B 36 6.03 -17.87 12.07
CA GLY B 36 6.95 -18.95 11.68
C GLY B 36 6.47 -19.76 10.46
N LYS B 37 5.47 -19.29 9.76
CA LYS B 37 4.84 -20.02 8.66
C LYS B 37 5.25 -19.47 7.28
N TRP B 38 5.19 -20.33 6.26
CA TRP B 38 5.46 -19.88 4.89
C TRP B 38 4.28 -20.43 4.12
N GLU B 39 3.31 -19.55 3.89
CA GLU B 39 1.98 -19.94 3.38
C GLU B 39 1.71 -19.22 2.05
N ARG B 40 2.44 -19.63 1.01
CA ARG B 40 2.35 -18.94 -0.29
C ARG B 40 0.99 -19.04 -0.92
N LYS B 41 0.46 -20.27 -0.94
CA LYS B 41 -0.86 -20.55 -1.57
C LYS B 41 -2.03 -19.80 -0.87
N LYS B 42 -2.06 -19.75 0.45
CA LYS B 42 -3.08 -18.96 1.21
C LYS B 42 -3.29 -17.49 0.79
N PHE B 43 -2.22 -16.81 0.44
CA PHE B 43 -2.25 -15.37 0.26
C PHE B 43 -2.09 -14.98 -1.22
N MET B 44 -2.59 -15.85 -2.11
CA MET B 44 -2.94 -15.47 -3.51
C MET B 44 -3.79 -14.22 -3.56
N GLY B 45 -3.38 -13.19 -4.30
CA GLY B 45 -4.12 -11.95 -4.34
C GLY B 45 -4.67 -11.55 -5.70
N THR B 46 -4.83 -10.24 -5.88
CA THR B 46 -5.30 -9.70 -7.12
C THR B 46 -4.54 -8.47 -7.56
N GLU B 47 -4.48 -8.29 -8.88
CA GLU B 47 -3.92 -7.11 -9.48
C GLU B 47 -4.93 -5.94 -9.47
N LEU B 48 -4.45 -4.72 -9.25
CA LEU B 48 -5.22 -3.49 -9.30
C LEU B 48 -5.49 -2.97 -10.69
N ASN B 49 -4.57 -3.26 -11.61
CA ASN B 49 -4.68 -2.70 -12.94
C ASN B 49 -5.95 -3.25 -13.60
N GLY B 50 -6.75 -2.37 -14.19
CA GLY B 50 -8.05 -2.75 -14.84
C GLY B 50 -9.25 -2.91 -13.93
N LYS B 51 -9.07 -2.82 -12.62
N LYS B 51 -9.06 -2.95 -12.61
CA LYS B 51 -10.16 -2.96 -11.68
CA LYS B 51 -10.12 -3.03 -11.60
C LYS B 51 -10.85 -1.63 -11.49
C LYS B 51 -10.81 -1.67 -11.39
N THR B 52 -12.10 -1.71 -11.02
CA THR B 52 -12.84 -0.50 -10.75
C THR B 52 -12.89 -0.11 -9.29
N LEU B 53 -12.52 1.14 -9.04
CA LEU B 53 -12.57 1.72 -7.71
C LEU B 53 -13.69 2.76 -7.70
N GLY B 54 -14.61 2.53 -6.76
CA GLY B 54 -15.60 3.53 -6.49
C GLY B 54 -15.24 4.43 -5.35
N ILE B 55 -15.36 5.73 -5.56
CA ILE B 55 -15.05 6.75 -4.60
C ILE B 55 -16.31 7.53 -4.25
N LEU B 56 -16.69 7.41 -3.00
CA LEU B 56 -17.94 8.07 -2.51
C LEU B 56 -17.52 9.24 -1.71
N GLY B 57 -17.67 10.46 -2.21
CA GLY B 57 -17.15 11.66 -1.63
C GLY B 57 -15.96 12.12 -2.46
N LEU B 58 -16.15 13.18 -3.23
CA LEU B 58 -15.17 13.60 -4.22
C LEU B 58 -14.55 14.96 -3.92
N GLY B 59 -14.48 15.28 -2.63
CA GLY B 59 -13.71 16.44 -2.15
C GLY B 59 -12.19 16.17 -2.22
N ARG B 60 -11.39 16.95 -1.50
CA ARG B 60 -9.96 16.95 -1.68
C ARG B 60 -9.38 15.55 -1.49
N ILE B 61 -9.74 14.88 -0.40
CA ILE B 61 -9.15 13.54 -0.12
C ILE B 61 -9.55 12.57 -1.21
N GLY B 62 -10.87 12.49 -1.52
CA GLY B 62 -11.33 11.63 -2.63
C GLY B 62 -10.56 11.86 -3.96
N ARG B 63 -10.33 13.12 -4.32
N ARG B 63 -10.35 13.12 -4.32
CA ARG B 63 -9.66 13.48 -5.56
CA ARG B 63 -9.65 13.48 -5.53
C ARG B 63 -8.22 12.98 -5.53
C ARG B 63 -8.20 13.00 -5.49
N GLU B 64 -7.58 13.13 -4.38
N GLU B 64 -7.57 13.17 -4.35
CA GLU B 64 -6.19 12.70 -4.25
CA GLU B 64 -6.18 12.78 -4.24
C GLU B 64 -6.01 11.20 -4.33
C GLU B 64 -6.03 11.24 -4.31
N VAL B 65 -6.92 10.47 -3.72
CA VAL B 65 -6.97 9.03 -3.84
C VAL B 65 -7.14 8.65 -5.29
N ALA B 66 -8.06 9.36 -6.00
CA ALA B 66 -8.30 9.04 -7.36
C ALA B 66 -7.12 9.18 -8.23
N THR B 67 -6.44 10.28 -8.14
CA THR B 67 -5.33 10.48 -9.08
C THR B 67 -4.16 9.51 -8.79
N ARG B 68 -3.96 9.15 -7.53
CA ARG B 68 -2.90 8.10 -7.22
C ARG B 68 -3.33 6.77 -7.78
N MET B 69 -4.59 6.34 -7.57
CA MET B 69 -4.96 5.03 -8.01
C MET B 69 -5.14 4.92 -9.55
N GLN B 70 -5.43 6.04 -10.21
CA GLN B 70 -5.41 6.11 -11.64
C GLN B 70 -4.04 5.67 -12.22
N SER B 71 -2.95 5.98 -11.52
CA SER B 71 -1.56 5.56 -11.97
C SER B 71 -1.38 4.06 -11.95
N PHE B 72 -2.19 3.33 -11.16
CA PHE B 72 -2.22 1.86 -11.13
C PHE B 72 -3.10 1.26 -12.20
N GLY B 73 -3.67 2.09 -13.05
CA GLY B 73 -4.60 1.56 -14.07
C GLY B 73 -6.01 1.28 -13.57
N MET B 74 -6.33 1.72 -12.37
CA MET B 74 -7.68 1.48 -11.88
C MET B 74 -8.65 2.44 -12.64
N LYS B 75 -9.85 1.92 -12.93
N LYS B 75 -9.85 1.91 -12.88
CA LYS B 75 -10.95 2.75 -13.39
CA LYS B 75 -10.99 2.70 -13.38
C LYS B 75 -11.58 3.39 -12.18
C LYS B 75 -11.68 3.38 -12.19
N THR B 76 -11.65 4.72 -12.16
CA THR B 76 -12.15 5.45 -10.98
C THR B 76 -13.53 6.02 -11.35
N ILE B 77 -14.56 5.53 -10.62
CA ILE B 77 -15.93 6.07 -10.72
C ILE B 77 -16.31 6.53 -9.36
N GLY B 78 -17.46 7.23 -9.25
CA GLY B 78 -17.79 7.71 -7.91
C GLY B 78 -19.07 8.52 -7.88
N TYR B 79 -19.32 9.15 -6.74
CA TYR B 79 -20.55 9.87 -6.51
C TYR B 79 -20.28 10.96 -5.48
N ASP B 80 -20.84 12.13 -5.66
CA ASP B 80 -20.78 13.17 -4.65
C ASP B 80 -21.97 14.07 -4.99
N PRO B 81 -22.83 14.43 -3.99
CA PRO B 81 -24.05 15.23 -4.32
C PRO B 81 -23.78 16.65 -4.79
N ILE B 82 -22.61 17.18 -4.43
CA ILE B 82 -22.36 18.61 -4.68
C ILE B 82 -21.52 18.84 -5.94
N ILE B 83 -20.66 17.89 -6.27
CA ILE B 83 -19.69 18.05 -7.37
C ILE B 83 -20.34 17.59 -8.68
N SER B 84 -20.26 18.46 -9.70
CA SER B 84 -20.79 18.16 -11.01
C SER B 84 -19.99 17.08 -11.77
N PRO B 85 -20.68 16.30 -12.63
CA PRO B 85 -20.00 15.30 -13.41
C PRO B 85 -18.87 15.85 -14.31
N GLU B 86 -19.00 17.06 -14.82
N GLU B 86 -19.00 17.06 -14.86
CA GLU B 86 -17.93 17.62 -15.66
CA GLU B 86 -17.94 17.66 -15.69
C GLU B 86 -16.70 17.97 -14.80
C GLU B 86 -16.73 18.00 -14.83
N VAL B 87 -16.94 18.42 -13.59
CA VAL B 87 -15.83 18.72 -12.65
C VAL B 87 -15.12 17.41 -12.26
N SER B 88 -15.88 16.36 -11.89
CA SER B 88 -15.21 15.13 -11.49
C SER B 88 -14.46 14.51 -12.71
N ALA B 89 -15.03 14.62 -13.91
CA ALA B 89 -14.37 14.20 -15.14
C ALA B 89 -12.97 14.84 -15.30
N SER B 90 -12.86 16.07 -14.87
CA SER B 90 -11.59 16.81 -14.98
C SER B 90 -10.46 16.21 -14.13
N PHE B 91 -10.82 15.44 -13.10
CA PHE B 91 -9.82 14.67 -12.36
C PHE B 91 -10.01 13.16 -12.48
N GLY B 92 -10.59 12.78 -13.63
CA GLY B 92 -10.71 11.39 -14.00
C GLY B 92 -11.63 10.48 -13.25
N VAL B 93 -12.64 11.07 -12.57
CA VAL B 93 -13.68 10.30 -11.92
C VAL B 93 -15.02 10.39 -12.64
N GLN B 94 -15.51 9.23 -13.07
CA GLN B 94 -16.75 9.17 -13.79
C GLN B 94 -17.84 9.12 -12.75
N GLN B 95 -18.73 10.14 -12.73
CA GLN B 95 -19.85 10.08 -11.80
C GLN B 95 -21.08 9.37 -12.35
N LEU B 96 -21.72 8.56 -11.52
CA LEU B 96 -22.91 7.84 -11.87
C LEU B 96 -23.76 7.94 -10.64
N PRO B 97 -25.07 7.69 -10.79
CA PRO B 97 -25.85 7.62 -9.54
C PRO B 97 -25.49 6.40 -8.68
N LEU B 98 -25.71 6.50 -7.34
CA LEU B 98 -25.26 5.45 -6.40
C LEU B 98 -25.68 4.10 -6.78
N GLU B 99 -26.97 4.00 -7.11
CA GLU B 99 -27.51 2.72 -7.54
C GLU B 99 -26.73 2.06 -8.67
N GLU B 100 -26.17 2.85 -9.56
CA GLU B 100 -25.26 2.31 -10.63
C GLU B 100 -23.83 1.97 -10.22
N ILE B 101 -23.36 2.58 -9.14
CA ILE B 101 -22.00 2.38 -8.68
C ILE B 101 -21.83 0.97 -8.08
N TRP B 102 -22.72 0.57 -7.19
CA TRP B 102 -22.51 -0.65 -6.40
C TRP B 102 -22.12 -1.86 -7.26
N PRO B 103 -22.89 -2.18 -8.29
CA PRO B 103 -22.56 -3.42 -9.07
C PRO B 103 -21.25 -3.43 -9.92
N LEU B 104 -20.71 -2.21 -10.15
CA LEU B 104 -19.50 -2.07 -10.96
C LEU B 104 -18.21 -2.20 -10.20
N CYS B 105 -18.24 -2.02 -8.86
CA CYS B 105 -16.92 -1.83 -8.16
C CYS B 105 -16.28 -3.13 -7.75
N ASP B 106 -14.94 -3.14 -7.91
CA ASP B 106 -14.13 -4.10 -7.24
C ASP B 106 -13.63 -3.62 -5.85
N PHE B 107 -13.50 -2.32 -5.71
CA PHE B 107 -13.09 -1.73 -4.48
C PHE B 107 -14.02 -0.50 -4.27
N ILE B 108 -14.37 -0.21 -3.01
CA ILE B 108 -15.13 1.02 -2.68
C ILE B 108 -14.35 1.69 -1.57
N THR B 109 -14.22 2.99 -1.64
CA THR B 109 -13.63 3.81 -0.58
C THR B 109 -14.53 5.01 -0.27
N VAL B 110 -14.63 5.33 0.97
CA VAL B 110 -15.50 6.44 1.41
C VAL B 110 -14.73 7.63 1.91
N HIS B 111 -15.16 8.82 1.53
CA HIS B 111 -14.52 10.06 1.83
C HIS B 111 -15.53 11.21 2.11
N THR B 112 -16.54 10.86 2.86
CA THR B 112 -17.68 11.81 3.13
C THR B 112 -17.55 12.26 4.53
N PRO B 113 -18.28 13.37 4.86
CA PRO B 113 -18.51 13.65 6.26
C PRO B 113 -19.54 12.67 6.82
N LEU B 114 -19.71 12.66 8.15
CA LEU B 114 -20.67 11.77 8.85
C LEU B 114 -21.94 12.61 9.08
N LEU B 115 -22.95 12.29 8.25
CA LEU B 115 -24.25 12.98 8.25
C LEU B 115 -25.33 11.94 8.30
N PRO B 116 -26.57 12.36 8.58
CA PRO B 116 -27.64 11.38 8.34
C PRO B 116 -27.59 10.58 6.98
N SER B 117 -27.33 11.29 5.89
CA SER B 117 -27.35 10.71 4.59
C SER B 117 -26.15 9.74 4.34
N THR B 118 -25.11 9.82 5.17
CA THR B 118 -23.92 8.98 4.98
C THR B 118 -23.72 8.00 6.13
N THR B 119 -24.48 8.05 7.21
CA THR B 119 -24.40 7.05 8.25
C THR B 119 -25.02 5.74 7.76
N GLY B 120 -24.26 4.65 7.70
CA GLY B 120 -24.72 3.44 7.11
C GLY B 120 -24.95 3.61 5.62
N LEU B 121 -24.16 4.44 4.92
CA LEU B 121 -24.15 4.53 3.47
C LEU B 121 -23.93 3.12 2.86
N LEU B 122 -22.96 2.38 3.41
N LEU B 122 -23.01 2.35 3.45
CA LEU B 122 -22.82 0.93 3.14
CA LEU B 122 -22.95 0.92 3.14
C LEU B 122 -23.52 0.12 4.20
C LEU B 122 -23.58 0.09 4.23
N ASN B 123 -24.59 -0.62 3.80
CA ASN B 123 -25.50 -1.32 4.74
C ASN B 123 -25.90 -2.63 4.13
N ASP B 124 -26.76 -3.40 4.76
CA ASP B 124 -27.06 -4.74 4.20
C ASP B 124 -27.61 -4.64 2.75
N ASN B 125 -28.42 -3.59 2.47
N ASN B 125 -28.36 -3.61 2.41
CA ASN B 125 -29.01 -3.34 1.12
CA ASN B 125 -28.94 -3.55 1.07
C ASN B 125 -27.99 -3.02 0.05
C ASN B 125 -27.87 -3.13 0.06
N THR B 126 -27.09 -2.11 0.37
CA THR B 126 -26.04 -1.67 -0.55
C THR B 126 -24.94 -2.74 -0.71
N PHE B 127 -24.59 -3.48 0.34
CA PHE B 127 -23.73 -4.67 0.16
C PHE B 127 -24.34 -5.71 -0.74
N ALA B 128 -25.64 -5.96 -0.65
CA ALA B 128 -26.27 -6.92 -1.51
C ALA B 128 -26.27 -6.50 -3.02
N GLN B 129 -26.13 -5.21 -3.31
CA GLN B 129 -26.12 -4.70 -4.66
C GLN B 129 -24.69 -4.73 -5.27
N CYS B 130 -23.65 -4.89 -4.44
CA CYS B 130 -22.28 -4.96 -4.86
C CYS B 130 -21.99 -6.27 -5.58
N LYS B 131 -20.86 -6.25 -6.30
CA LYS B 131 -20.33 -7.42 -6.91
C LYS B 131 -19.88 -8.39 -5.79
N LYS B 132 -20.14 -9.69 -5.89
CA LYS B 132 -19.65 -10.64 -4.85
C LYS B 132 -18.11 -10.51 -4.80
N GLY B 133 -17.57 -10.38 -3.59
CA GLY B 133 -16.15 -10.21 -3.41
C GLY B 133 -15.64 -8.82 -3.38
N VAL B 134 -16.51 -7.84 -3.26
CA VAL B 134 -16.10 -6.45 -3.19
C VAL B 134 -15.21 -6.24 -1.99
N ARG B 135 -14.30 -5.29 -2.12
CA ARG B 135 -13.35 -4.95 -1.00
C ARG B 135 -13.66 -3.51 -0.64
N VAL B 136 -13.78 -3.26 0.65
CA VAL B 136 -14.19 -1.92 1.14
C VAL B 136 -13.07 -1.26 2.02
N VAL B 137 -12.99 0.07 1.95
CA VAL B 137 -12.12 0.87 2.76
C VAL B 137 -12.82 2.06 3.43
N ASN B 138 -12.63 2.19 4.73
CA ASN B 138 -13.10 3.39 5.46
C ASN B 138 -11.94 4.00 6.26
N CYS B 139 -11.36 5.02 5.70
CA CYS B 139 -10.44 5.90 6.37
C CYS B 139 -10.95 7.30 6.61
N ALA B 140 -12.28 7.40 6.64
CA ALA B 140 -12.95 8.68 6.78
C ALA B 140 -13.56 8.91 8.17
N ARG B 141 -14.74 8.36 8.43
CA ARG B 141 -15.44 8.54 9.70
C ARG B 141 -16.08 7.24 10.08
N GLY B 142 -16.01 6.90 11.36
CA GLY B 142 -16.59 5.71 11.83
C GLY B 142 -18.12 5.84 11.69
N GLY B 143 -18.73 4.78 11.14
CA GLY B 143 -20.19 4.75 10.98
C GLY B 143 -20.64 4.94 9.56
N ILE B 144 -19.83 5.42 8.65
CA ILE B 144 -20.23 5.49 7.28
C ILE B 144 -20.60 4.10 6.77
N VAL B 145 -19.72 3.12 7.07
CA VAL B 145 -19.96 1.72 6.82
C VAL B 145 -20.63 1.17 8.04
N ASP B 146 -21.83 0.59 7.84
CA ASP B 146 -22.51 -0.05 8.98
C ASP B 146 -21.71 -1.25 9.38
N GLU B 147 -21.30 -1.27 10.64
CA GLU B 147 -20.33 -2.32 11.07
C GLU B 147 -20.97 -3.69 11.17
N GLY B 148 -22.25 -3.72 11.57
CA GLY B 148 -22.90 -4.99 11.59
C GLY B 148 -23.11 -5.56 10.21
N ALA B 149 -23.47 -4.70 9.26
CA ALA B 149 -23.68 -5.17 7.88
C ALA B 149 -22.36 -5.65 7.23
N LEU B 150 -21.34 -4.90 7.53
CA LEU B 150 -20.00 -5.32 7.08
C LEU B 150 -19.61 -6.73 7.58
N LEU B 151 -19.82 -6.98 8.86
CA LEU B 151 -19.55 -8.28 9.41
C LEU B 151 -20.33 -9.38 8.73
N ARG B 152 -21.61 -9.15 8.52
CA ARG B 152 -22.39 -10.14 7.81
C ARG B 152 -21.90 -10.39 6.40
N ALA B 153 -21.55 -9.32 5.69
CA ALA B 153 -21.01 -9.47 4.33
C ALA B 153 -19.64 -10.16 4.29
N LEU B 154 -18.82 -9.94 5.31
CA LEU B 154 -17.56 -10.67 5.38
C LEU B 154 -17.81 -12.15 5.68
N GLN B 155 -18.78 -12.44 6.55
CA GLN B 155 -19.12 -13.81 6.91
C GLN B 155 -19.67 -14.61 5.74
N SER B 156 -20.43 -13.95 4.86
CA SER B 156 -21.03 -14.65 3.76
C SER B 156 -20.08 -14.72 2.53
N GLY B 157 -19.01 -13.93 2.52
CA GLY B 157 -18.19 -13.74 1.35
C GLY B 157 -18.66 -12.70 0.37
N GLN B 158 -19.85 -12.10 0.58
CA GLN B 158 -20.23 -11.01 -0.28
C GLN B 158 -19.16 -9.84 -0.29
N CYS B 159 -18.51 -9.65 0.85
CA CYS B 159 -17.34 -8.73 0.95
C CYS B 159 -16.15 -9.62 1.19
N ALA B 160 -15.08 -9.52 0.34
CA ALA B 160 -13.88 -10.39 0.42
C ALA B 160 -12.86 -9.81 1.36
N GLY B 161 -13.03 -8.52 1.76
CA GLY B 161 -12.07 -7.87 2.66
C GLY B 161 -12.42 -6.44 2.98
N ALA B 162 -11.97 -5.92 4.11
CA ALA B 162 -12.25 -4.58 4.50
C ALA B 162 -11.05 -4.01 5.24
N ALA B 163 -10.85 -2.73 5.06
CA ALA B 163 -9.78 -1.97 5.73
C ALA B 163 -10.38 -0.79 6.47
N LEU B 164 -10.21 -0.77 7.79
CA LEU B 164 -10.88 0.25 8.63
C LEU B 164 -9.83 1.04 9.43
N ASP B 165 -9.76 2.35 9.30
CA ASP B 165 -8.95 3.20 10.14
C ASP B 165 -9.79 3.78 11.27
N VAL B 166 -11.14 3.71 11.13
CA VAL B 166 -12.09 4.44 11.99
C VAL B 166 -13.27 3.48 12.33
N PHE B 167 -13.86 3.71 13.55
CA PHE B 167 -14.86 2.86 14.10
C PHE B 167 -15.93 3.75 14.74
N THR B 168 -17.10 3.17 14.82
CA THR B 168 -18.27 3.84 15.42
C THR B 168 -17.91 4.23 16.87
N GLU B 169 -17.24 3.35 17.59
CA GLU B 169 -16.68 3.68 18.93
C GLU B 169 -15.17 3.39 18.89
N GLU B 170 -14.38 4.33 19.42
CA GLU B 170 -12.93 4.22 19.40
C GLU B 170 -12.36 4.31 20.83
N PRO B 171 -11.57 3.35 21.29
CA PRO B 171 -11.32 2.05 20.61
C PRO B 171 -12.56 1.18 20.50
N PRO B 172 -12.65 0.37 19.46
CA PRO B 172 -13.87 -0.46 19.31
C PRO B 172 -13.94 -1.51 20.35
N ARG B 173 -15.14 -1.63 20.90
CA ARG B 173 -15.39 -2.37 22.15
C ARG B 173 -15.88 -3.75 21.72
N ASP B 174 -16.63 -3.77 20.61
CA ASP B 174 -16.94 -4.94 19.85
C ASP B 174 -15.76 -5.22 18.89
N ARG B 175 -15.26 -6.47 18.97
CA ARG B 175 -14.01 -6.91 18.38
C ARG B 175 -14.16 -7.86 17.19
N ALA B 176 -15.39 -8.19 16.84
CA ALA B 176 -15.67 -9.28 15.88
C ALA B 176 -15.21 -8.88 14.47
N LEU B 177 -15.36 -7.60 14.14
CA LEU B 177 -14.88 -7.08 12.87
C LEU B 177 -13.37 -7.15 12.89
N VAL B 178 -12.79 -6.55 13.93
CA VAL B 178 -11.33 -6.39 13.97
C VAL B 178 -10.65 -7.73 13.81
N ASP B 179 -11.13 -8.69 14.59
CA ASP B 179 -10.64 -10.04 14.60
C ASP B 179 -10.89 -10.88 13.34
N HIS B 180 -11.77 -10.45 12.43
CA HIS B 180 -11.96 -11.23 11.18
C HIS B 180 -10.68 -11.32 10.29
N GLU B 181 -10.40 -12.50 9.71
CA GLU B 181 -9.18 -12.75 8.92
C GLU B 181 -9.03 -11.85 7.70
N ASN B 182 -10.14 -11.34 7.17
CA ASN B 182 -10.15 -10.50 5.99
C ASN B 182 -10.22 -9.02 6.28
N VAL B 183 -10.10 -8.64 7.56
CA VAL B 183 -10.14 -7.24 7.96
C VAL B 183 -8.75 -6.77 8.40
N ILE B 184 -8.30 -5.70 7.81
CA ILE B 184 -7.11 -4.97 8.21
C ILE B 184 -7.50 -3.66 8.83
N SER B 185 -6.77 -3.21 9.80
CA SER B 185 -7.20 -2.06 10.60
C SER B 185 -6.02 -1.30 11.14
N CYS B 186 -6.26 -0.04 11.48
CA CYS B 186 -5.29 0.80 12.21
C CYS B 186 -6.02 1.60 13.28
N PRO B 187 -5.36 2.12 14.31
CA PRO B 187 -6.01 2.92 15.36
C PRO B 187 -6.13 4.36 14.99
N HIS B 188 -6.95 4.64 13.95
CA HIS B 188 -7.20 6.01 13.53
C HIS B 188 -5.90 6.77 13.26
N LEU B 189 -5.13 6.24 12.33
CA LEU B 189 -3.81 6.79 11.96
C LEU B 189 -3.86 7.69 10.75
N GLY B 190 -5.04 8.00 10.19
CA GLY B 190 -5.07 8.83 8.97
C GLY B 190 -4.25 10.14 8.95
N ALA B 191 -4.25 10.87 10.07
CA ALA B 191 -3.54 12.14 10.21
C ALA B 191 -2.19 11.99 10.90
N SER B 192 -1.84 10.73 11.19
CA SER B 192 -0.64 10.47 12.05
C SER B 192 0.64 10.35 11.27
N THR B 193 1.07 11.45 10.69
CA THR B 193 2.40 11.53 10.08
C THR B 193 3.09 12.70 10.71
N LYS B 194 4.39 12.60 10.73
CA LYS B 194 5.19 13.69 11.28
C LYS B 194 4.95 14.96 10.52
N GLU B 195 4.79 14.85 9.20
CA GLU B 195 4.60 16.01 8.35
C GLU B 195 3.28 16.73 8.65
N ALA B 196 2.15 16.01 8.57
CA ALA B 196 0.83 16.57 8.89
C ALA B 196 0.89 17.22 10.25
N GLN B 197 1.49 16.53 11.22
CA GLN B 197 1.55 17.03 12.60
C GLN B 197 2.24 18.39 12.72
N SER B 198 3.20 18.66 11.84
CA SER B 198 4.16 19.75 12.03
C SER B 198 4.02 20.90 11.07
N ARG B 199 2.84 21.12 10.50
CA ARG B 199 2.59 22.16 9.45
C ARG B 199 3.80 22.69 8.60
C4 9EW C . 21.72 -2.08 -10.87
C5 9EW C . 22.28 -3.12 -11.56
C6 9EW C . 23.61 -3.44 -11.43
C7 9EW C . 23.88 -4.56 -12.28
N1 9EW C . 22.76 -4.92 -12.88
C3 9EW C . 22.55 -1.36 -9.99
C1 9EW C . 24.45 -2.72 -10.59
C2 9EW C . 23.90 -1.68 -9.87
O1 9EW C . 21.72 -3.98 -12.46
O2 9EW C . 25.09 -5.11 -12.43
C4 9EW D . -21.60 10.45 -1.16
C5 9EW D . -21.63 11.60 -0.41
C6 9EW D . -22.72 11.99 0.31
C7 9EW D . -22.39 13.23 0.93
N1 9EW D . -21.16 13.57 0.62
C3 9EW D . -22.72 9.64 -1.12
C1 9EW D . -23.87 11.20 0.33
C2 9EW D . -23.85 10.02 -0.41
O1 9EW D . -20.66 12.55 -0.26
O2 9EW D . -23.18 13.95 1.67
#